data_4LW7
#
_entry.id   4LW7
#
_cell.length_a   59.727
_cell.length_b   64.350
_cell.length_c   61.275
_cell.angle_alpha   90.00
_cell.angle_beta   115.50
_cell.angle_gamma   90.00
#
_symmetry.space_group_name_H-M   'P 1 21 1'
#
loop_
_entity.id
_entity.type
_entity.pdbx_description
1 polymer "Orotidine 5'-phosphate decarboxylase"
2 non-polymer "6-HYDROXYURIDINE-5'-PHOSPHATE"
3 water water
#
_entity_poly.entity_id   1
_entity_poly.type   'polypeptide(L)'
_entity_poly.pdbx_seq_one_letter_code
;MRSRRVDVMDVMNRLILAMDLMNRDDALRVTGEVREYIDTVKIGYPLVLSEGMDIIAEFRKRFGCRIIADFKVADIPETN
EKICRATFKAGADAIIVHGFPGADSVRACLNVAEEMGREVFLLTEMSSPGAEMFIQGAADEIARMGVDLGVKNYVGPSTR
PERLSRLREIIGQDSFLISPGVGAQGGDPGETLRFADAIIVGRSIYLADNPAAAAAGIIESIKDLLNP
;
_entity_poly.pdbx_strand_id   A,B
#
loop_
_chem_comp.id
_chem_comp.type
_chem_comp.name
_chem_comp.formula
BMP RNA linking 6-HYDROXYURIDINE-5'-PHOSPHATE 'C9 H13 N2 O10 P'
#
# COMPACT_ATOMS: atom_id res chain seq x y z
N ASP A 7 -0.76 11.40 -25.96
CA ASP A 7 -2.16 11.01 -25.78
C ASP A 7 -2.33 10.21 -24.50
N VAL A 8 -3.57 9.83 -24.20
CA VAL A 8 -3.88 9.13 -22.96
C VAL A 8 -4.55 7.80 -23.27
N MET A 9 -4.66 6.93 -22.27
CA MET A 9 -5.38 5.67 -22.48
C MET A 9 -6.84 5.96 -22.85
N ASP A 10 -7.35 5.17 -23.79
CA ASP A 10 -8.70 5.38 -24.31
C ASP A 10 -9.68 4.48 -23.57
N VAL A 11 -10.26 5.00 -22.50
CA VAL A 11 -11.14 4.23 -21.62
C VAL A 11 -12.56 4.19 -22.16
N MET A 12 -13.03 3.00 -22.55
N MET A 12 -13.03 3.00 -22.54
CA MET A 12 -14.38 2.83 -23.06
CA MET A 12 -14.37 2.88 -23.10
C MET A 12 -15.44 3.36 -22.10
C MET A 12 -15.45 3.34 -22.13
N ASN A 13 -16.33 4.20 -22.62
CA ASN A 13 -17.44 4.75 -21.83
C ASN A 13 -17.04 5.54 -20.59
N ARG A 14 -15.77 5.93 -20.51
CA ARG A 14 -15.24 6.72 -19.40
C ARG A 14 -15.49 6.03 -18.05
N LEU A 15 -15.55 4.70 -18.09
CA LEU A 15 -15.93 3.90 -16.93
C LEU A 15 -14.92 2.78 -16.66
N ILE A 16 -14.34 2.80 -15.46
CA ILE A 16 -13.37 1.80 -15.04
C ILE A 16 -13.98 0.96 -13.92
N LEU A 17 -13.97 -0.36 -14.10
CA LEU A 17 -14.48 -1.26 -13.06
C LEU A 17 -13.44 -1.46 -11.96
N ALA A 18 -13.83 -1.20 -10.72
CA ALA A 18 -13.00 -1.58 -9.59
C ALA A 18 -13.37 -2.98 -9.16
N MET A 19 -12.58 -3.96 -9.59
CA MET A 19 -12.92 -5.36 -9.33
C MET A 19 -12.32 -5.79 -8.01
N ASP A 20 -13.08 -5.56 -6.94
CA ASP A 20 -12.64 -5.89 -5.59
C ASP A 20 -13.31 -7.10 -4.97
N LEU A 21 -13.94 -7.94 -5.79
CA LEU A 21 -14.36 -9.26 -5.33
C LEU A 21 -13.11 -10.07 -5.03
N MET A 22 -13.23 -11.05 -4.15
CA MET A 22 -12.04 -11.72 -3.61
C MET A 22 -11.91 -13.19 -3.98
N ASN A 23 -12.76 -13.68 -4.85
CA ASN A 23 -12.48 -14.99 -5.41
C ASN A 23 -12.56 -14.97 -6.91
N ARG A 24 -11.71 -15.79 -7.52
CA ARG A 24 -11.51 -15.82 -8.95
C ARG A 24 -12.82 -16.01 -9.71
N ASP A 25 -13.61 -16.98 -9.28
CA ASP A 25 -14.84 -17.32 -10.00
C ASP A 25 -15.81 -16.14 -10.07
N ASP A 26 -16.07 -15.50 -8.94
CA ASP A 26 -16.98 -14.36 -8.94
C ASP A 26 -16.38 -13.17 -9.72
N ALA A 27 -15.09 -12.90 -9.49
CA ALA A 27 -14.45 -11.79 -10.17
C ALA A 27 -14.49 -11.94 -11.69
N LEU A 28 -14.20 -13.15 -12.16
CA LEU A 28 -14.26 -13.44 -13.59
C LEU A 28 -15.67 -13.34 -14.12
N ARG A 29 -16.64 -13.86 -13.38
CA ARG A 29 -18.03 -13.84 -13.86
C ARG A 29 -18.50 -12.41 -14.02
N VAL A 30 -18.30 -11.59 -13.00
CA VAL A 30 -18.82 -10.24 -13.04
C VAL A 30 -18.12 -9.40 -14.10
N THR A 31 -16.81 -9.56 -14.22
CA THR A 31 -16.08 -8.82 -15.23
C THR A 31 -16.55 -9.18 -16.64
N GLY A 32 -16.77 -10.47 -16.88
CA GLY A 32 -17.30 -10.91 -18.16
C GLY A 32 -18.67 -10.34 -18.46
N GLU A 33 -19.50 -10.21 -17.42
CA GLU A 33 -20.85 -9.71 -17.58
C GLU A 33 -20.88 -8.25 -18.01
N VAL A 34 -19.86 -7.48 -17.68
CA VAL A 34 -19.84 -6.06 -18.04
C VAL A 34 -18.87 -5.76 -19.18
N ARG A 35 -18.32 -6.80 -19.79
CA ARG A 35 -17.29 -6.65 -20.82
C ARG A 35 -17.71 -5.77 -22.00
N GLU A 36 -18.99 -5.76 -22.35
CA GLU A 36 -19.41 -4.96 -23.49
C GLU A 36 -19.39 -3.46 -23.18
N TYR A 37 -19.28 -3.10 -21.91
CA TYR A 37 -19.35 -1.70 -21.47
C TYR A 37 -18.01 -1.11 -21.04
N ILE A 38 -17.06 -1.97 -20.71
CA ILE A 38 -15.84 -1.55 -20.02
C ILE A 38 -14.62 -2.29 -20.60
N ASP A 39 -13.57 -1.55 -20.94
CA ASP A 39 -12.34 -2.18 -21.45
C ASP A 39 -11.15 -1.92 -20.53
N THR A 40 -11.44 -1.41 -19.34
CA THR A 40 -10.39 -1.00 -18.42
C THR A 40 -10.79 -1.46 -17.04
N VAL A 41 -9.96 -2.27 -16.41
CA VAL A 41 -10.29 -2.83 -15.10
C VAL A 41 -9.20 -2.48 -14.10
N LYS A 42 -9.61 -2.00 -12.93
CA LYS A 42 -8.71 -1.73 -11.84
C LYS A 42 -8.72 -2.93 -10.92
N ILE A 43 -7.55 -3.58 -10.77
CA ILE A 43 -7.41 -4.73 -9.90
C ILE A 43 -6.54 -4.32 -8.72
N GLY A 44 -7.03 -4.56 -7.52
CA GLY A 44 -6.35 -4.16 -6.30
C GLY A 44 -5.90 -5.34 -5.46
N TYR A 45 -5.46 -5.02 -4.25
CA TYR A 45 -4.99 -6.05 -3.34
C TYR A 45 -6.08 -7.00 -2.80
N PRO A 46 -7.35 -6.56 -2.65
CA PRO A 46 -8.34 -7.57 -2.23
C PRO A 46 -8.35 -8.79 -3.14
N LEU A 47 -8.30 -8.57 -4.45
CA LEU A 47 -8.26 -9.70 -5.39
C LEU A 47 -6.87 -10.33 -5.52
N VAL A 48 -5.84 -9.51 -5.66
CA VAL A 48 -4.49 -10.03 -5.83
C VAL A 48 -3.99 -10.86 -4.64
N LEU A 49 -4.26 -10.38 -3.41
CA LEU A 49 -3.82 -11.12 -2.24
C LEU A 49 -4.65 -12.39 -1.99
N SER A 50 -5.83 -12.46 -2.61
CA SER A 50 -6.68 -13.64 -2.48
C SER A 50 -6.36 -14.69 -3.56
N GLU A 51 -5.99 -14.23 -4.75
CA GLU A 51 -5.88 -15.14 -5.90
C GLU A 51 -4.52 -15.18 -6.58
N GLY A 52 -3.62 -14.28 -6.21
CA GLY A 52 -2.29 -14.25 -6.78
C GLY A 52 -2.17 -13.29 -7.94
N MET A 53 -0.94 -12.92 -8.27
CA MET A 53 -0.68 -12.00 -9.36
C MET A 53 -1.07 -12.58 -10.72
N ASP A 54 -1.21 -13.91 -10.80
CA ASP A 54 -1.62 -14.54 -12.06
C ASP A 54 -3.07 -14.20 -12.42
N ILE A 55 -3.78 -13.54 -11.52
CA ILE A 55 -5.13 -13.09 -11.84
C ILE A 55 -5.07 -12.05 -12.97
N ILE A 56 -3.98 -11.30 -13.02
CA ILE A 56 -3.80 -10.34 -14.10
C ILE A 56 -3.73 -11.07 -15.44
N ALA A 57 -2.91 -12.10 -15.51
CA ALA A 57 -2.82 -12.93 -16.72
C ALA A 57 -4.17 -13.49 -17.14
N GLU A 58 -4.95 -13.91 -16.15
CA GLU A 58 -6.22 -14.55 -16.44
C GLU A 58 -7.20 -13.53 -17.01
N PHE A 59 -7.19 -12.32 -16.47
CA PHE A 59 -8.04 -11.26 -17.02
C PHE A 59 -7.63 -10.92 -18.45
N ARG A 60 -6.33 -10.81 -18.71
CA ARG A 60 -5.85 -10.49 -20.05
C ARG A 60 -6.26 -11.58 -21.05
N LYS A 61 -6.21 -12.83 -20.60
CA LYS A 61 -6.57 -13.96 -21.43
C LYS A 61 -8.08 -13.97 -21.74
N ARG A 62 -8.90 -13.72 -20.73
CA ARG A 62 -10.35 -13.81 -20.86
C ARG A 62 -11.01 -12.59 -21.50
N PHE A 63 -10.48 -11.40 -21.24
CA PHE A 63 -11.17 -10.17 -21.60
C PHE A 63 -10.36 -9.21 -22.46
N GLY A 64 -9.04 -9.25 -22.34
CA GLY A 64 -8.18 -8.37 -23.10
C GLY A 64 -8.28 -6.92 -22.63
N CYS A 65 -8.93 -6.73 -21.49
N CYS A 65 -8.91 -6.74 -21.48
CA CYS A 65 -9.08 -5.40 -20.88
CA CYS A 65 -9.05 -5.43 -20.87
C CYS A 65 -7.71 -4.88 -20.44
C CYS A 65 -7.70 -4.87 -20.43
N ARG A 66 -7.55 -3.56 -20.45
CA ARG A 66 -6.39 -2.92 -19.84
C ARG A 66 -6.46 -3.14 -18.35
N ILE A 67 -5.31 -3.26 -17.71
CA ILE A 67 -5.28 -3.53 -16.28
C ILE A 67 -4.50 -2.44 -15.51
N ILE A 68 -5.19 -1.81 -14.57
CA ILE A 68 -4.55 -0.85 -13.68
C ILE A 68 -4.39 -1.53 -12.33
N ALA A 69 -3.15 -1.70 -11.88
CA ALA A 69 -2.87 -2.31 -10.59
C ALA A 69 -2.97 -1.27 -9.49
N ASP A 70 -4.02 -1.35 -8.70
CA ASP A 70 -4.26 -0.37 -7.66
C ASP A 70 -3.57 -0.81 -6.38
N PHE A 71 -2.26 -0.56 -6.31
CA PHE A 71 -1.46 -1.08 -5.22
C PHE A 71 -1.06 0.04 -4.23
N LYS A 72 -1.52 1.28 -4.48
CA LYS A 72 -1.26 2.41 -3.59
C LYS A 72 0.15 2.37 -3.03
N VAL A 73 1.10 2.25 -3.94
CA VAL A 73 2.48 2.01 -3.57
C VAL A 73 2.96 3.12 -2.63
N ALA A 74 3.51 2.74 -1.47
CA ALA A 74 3.74 3.71 -0.42
C ALA A 74 4.91 3.35 0.47
N ASP A 75 6.00 2.92 -0.14
CA ASP A 75 7.17 2.46 0.60
C ASP A 75 8.38 3.34 0.27
N ILE A 76 9.54 2.95 0.77
CA ILE A 76 10.77 3.69 0.46
C ILE A 76 11.12 3.45 -1.02
N PRO A 77 11.98 4.30 -1.61
CA PRO A 77 12.30 4.15 -3.04
C PRO A 77 12.73 2.73 -3.47
N GLU A 78 13.62 2.11 -2.70
CA GLU A 78 14.15 0.79 -3.04
C GLU A 78 13.06 -0.28 -3.10
N THR A 79 12.14 -0.23 -2.16
CA THR A 79 11.06 -1.21 -2.13
C THR A 79 10.02 -0.88 -3.20
N ASN A 80 9.75 0.40 -3.41
CA ASN A 80 8.84 0.82 -4.46
C ASN A 80 9.29 0.29 -5.81
N GLU A 81 10.60 0.36 -6.07
N GLU A 81 10.60 0.35 -6.07
CA GLU A 81 11.11 -0.14 -7.34
CA GLU A 81 11.13 -0.13 -7.34
C GLU A 81 10.76 -1.61 -7.51
C GLU A 81 10.86 -1.63 -7.54
N LYS A 82 11.00 -2.39 -6.46
CA LYS A 82 10.75 -3.84 -6.51
C LYS A 82 9.26 -4.13 -6.74
N ILE A 83 8.40 -3.41 -6.06
CA ILE A 83 6.96 -3.59 -6.23
C ILE A 83 6.54 -3.31 -7.67
N CYS A 84 7.02 -2.20 -8.22
CA CYS A 84 6.69 -1.85 -9.60
C CYS A 84 7.21 -2.90 -10.58
N ARG A 85 8.44 -3.36 -10.41
CA ARG A 85 9.01 -4.36 -11.29
C ARG A 85 8.17 -5.63 -11.28
N ALA A 86 7.80 -6.11 -10.11
CA ALA A 86 6.99 -7.33 -10.01
C ALA A 86 5.62 -7.14 -10.66
N THR A 87 5.05 -5.96 -10.52
CA THR A 87 3.70 -5.68 -10.96
C THR A 87 3.66 -5.59 -12.49
N PHE A 88 4.63 -4.91 -13.08
CA PHE A 88 4.69 -4.81 -14.53
C PHE A 88 5.09 -6.14 -15.17
N LYS A 89 5.94 -6.91 -14.47
CA LYS A 89 6.32 -8.24 -14.95
C LYS A 89 5.10 -9.14 -15.12
N ALA A 90 4.11 -8.94 -14.26
CA ALA A 90 2.90 -9.75 -14.26
C ALA A 90 1.92 -9.32 -15.36
N GLY A 91 2.16 -8.17 -15.96
CA GLY A 91 1.34 -7.72 -17.08
C GLY A 91 0.45 -6.51 -16.85
N ALA A 92 0.58 -5.83 -15.69
CA ALA A 92 -0.22 -4.63 -15.48
C ALA A 92 0.21 -3.52 -16.43
N ASP A 93 -0.76 -2.83 -17.00
CA ASP A 93 -0.48 -1.68 -17.85
C ASP A 93 -0.01 -0.47 -17.05
N ALA A 94 -0.52 -0.35 -15.85
CA ALA A 94 -0.25 0.81 -15.02
C ALA A 94 -0.35 0.44 -13.55
N ILE A 95 0.23 1.29 -12.70
CA ILE A 95 0.19 1.08 -11.26
C ILE A 95 -0.14 2.40 -10.58
N ILE A 96 -0.90 2.32 -9.49
CA ILE A 96 -1.26 3.51 -8.72
C ILE A 96 -0.34 3.64 -7.52
N VAL A 97 0.19 4.86 -7.35
N VAL A 97 0.24 4.82 -7.38
CA VAL A 97 1.23 5.18 -6.38
CA VAL A 97 1.15 5.07 -6.27
C VAL A 97 0.79 6.34 -5.47
C VAL A 97 0.70 6.26 -5.45
N HIS A 98 0.99 6.21 -4.16
CA HIS A 98 0.74 7.32 -3.25
C HIS A 98 1.82 8.38 -3.38
N GLY A 99 1.41 9.63 -3.32
CA GLY A 99 2.37 10.72 -3.32
C GLY A 99 2.85 11.17 -1.95
N PHE A 100 2.07 10.87 -0.91
N PHE A 100 2.06 10.87 -0.92
CA PHE A 100 2.44 11.39 0.42
CA PHE A 100 2.39 11.32 0.45
C PHE A 100 3.82 10.98 0.97
C PHE A 100 3.80 10.97 0.96
N PRO A 101 4.33 9.77 0.63
CA PRO A 101 5.70 9.46 1.09
C PRO A 101 6.81 10.33 0.47
N GLY A 102 6.50 11.14 -0.53
CA GLY A 102 7.48 12.10 -1.03
C GLY A 102 7.98 11.84 -2.43
N ALA A 103 8.75 12.80 -2.95
CA ALA A 103 9.18 12.78 -4.33
C ALA A 103 10.07 11.60 -4.69
N ASP A 104 11.01 11.25 -3.82
CA ASP A 104 11.90 10.12 -4.11
C ASP A 104 11.15 8.81 -4.32
N SER A 105 10.12 8.58 -3.51
CA SER A 105 9.34 7.36 -3.64
C SER A 105 8.54 7.36 -4.93
N VAL A 106 8.07 8.52 -5.37
CA VAL A 106 7.33 8.58 -6.64
C VAL A 106 8.30 8.42 -7.81
N ARG A 107 9.44 9.09 -7.71
CA ARG A 107 10.45 9.02 -8.75
C ARG A 107 10.91 7.58 -8.99
N ALA A 108 11.06 6.80 -7.91
CA ALA A 108 11.45 5.40 -8.06
C ALA A 108 10.46 4.64 -8.94
N CYS A 109 9.17 4.92 -8.77
CA CYS A 109 8.14 4.25 -9.55
C CYS A 109 8.16 4.72 -11.01
N LEU A 110 8.32 6.03 -11.21
CA LEU A 110 8.39 6.58 -12.56
C LEU A 110 9.56 5.99 -13.32
N ASN A 111 10.69 5.81 -12.65
CA ASN A 111 11.88 5.31 -13.32
C ASN A 111 11.63 3.89 -13.81
N VAL A 112 10.98 3.08 -12.97
CA VAL A 112 10.67 1.71 -13.37
C VAL A 112 9.66 1.69 -14.53
N ALA A 113 8.62 2.52 -14.42
CA ALA A 113 7.62 2.56 -15.48
C ALA A 113 8.25 2.99 -16.80
N GLU A 114 9.17 3.94 -16.76
CA GLU A 114 9.84 4.41 -17.98
C GLU A 114 10.69 3.29 -18.58
N GLU A 115 11.43 2.60 -17.73
CA GLU A 115 12.29 1.51 -18.17
C GLU A 115 11.46 0.39 -18.79
N MET A 116 10.31 0.12 -18.21
CA MET A 116 9.52 -1.04 -18.60
C MET A 116 8.38 -0.72 -19.59
N GLY A 117 8.27 0.55 -20.00
CA GLY A 117 7.24 0.96 -20.94
C GLY A 117 5.82 0.90 -20.41
N ARG A 118 5.65 1.27 -19.15
CA ARG A 118 4.33 1.27 -18.51
C ARG A 118 4.04 2.63 -17.87
N GLU A 119 2.94 2.73 -17.12
CA GLU A 119 2.50 4.02 -16.59
C GLU A 119 2.27 4.05 -15.09
N VAL A 120 2.60 5.20 -14.49
CA VAL A 120 2.29 5.49 -13.10
C VAL A 120 1.10 6.45 -13.00
N PHE A 121 0.16 6.12 -12.10
CA PHE A 121 -0.90 7.05 -11.70
C PHE A 121 -0.59 7.52 -10.29
N LEU A 122 -0.62 8.83 -10.07
CA LEU A 122 -0.36 9.39 -8.75
C LEU A 122 -1.66 9.70 -8.02
N LEU A 123 -1.82 9.11 -6.84
CA LEU A 123 -2.97 9.38 -5.97
C LEU A 123 -2.61 10.54 -5.05
N THR A 124 -3.42 11.60 -5.08
CA THR A 124 -3.10 12.82 -4.36
C THR A 124 -3.92 13.05 -3.09
N GLU A 125 -5.21 12.71 -3.15
CA GLU A 125 -6.08 12.75 -1.99
C GLU A 125 -7.13 11.67 -2.13
N MET A 126 -7.55 11.13 -1.01
N MET A 126 -7.48 11.03 -1.03
CA MET A 126 -8.49 10.02 -1.00
CA MET A 126 -8.46 9.95 -1.06
C MET A 126 -9.93 10.42 -0.76
C MET A 126 -9.90 10.41 -0.80
N SER A 127 -10.84 9.54 -1.16
CA SER A 127 -12.27 9.86 -1.14
C SER A 127 -12.96 9.60 0.19
N SER A 128 -12.29 8.88 1.07
CA SER A 128 -12.83 8.49 2.37
C SER A 128 -12.73 9.63 3.40
N PRO A 129 -13.61 9.62 4.41
CA PRO A 129 -13.64 10.72 5.40
C PRO A 129 -12.31 11.07 6.06
N GLY A 130 -11.53 10.07 6.47
CA GLY A 130 -10.30 10.33 7.19
C GLY A 130 -9.21 11.05 6.40
N ALA A 131 -9.37 11.11 5.08
CA ALA A 131 -8.40 11.79 4.22
C ALA A 131 -8.27 13.27 4.56
N GLU A 132 -9.28 13.81 5.23
CA GLU A 132 -9.24 15.22 5.59
C GLU A 132 -8.21 15.48 6.70
N MET A 133 -7.84 14.42 7.44
N MET A 133 -7.83 14.42 7.42
CA MET A 133 -6.99 14.60 8.62
CA MET A 133 -7.01 14.55 8.63
C MET A 133 -5.59 15.07 8.26
C MET A 133 -5.58 15.00 8.31
N PHE A 134 -4.97 14.37 7.30
CA PHE A 134 -3.59 14.68 6.91
C PHE A 134 -3.42 14.90 5.38
N ILE A 135 -4.06 14.06 4.58
CA ILE A 135 -3.81 14.05 3.13
C ILE A 135 -4.28 15.30 2.42
N GLN A 136 -5.48 15.75 2.77
CA GLN A 136 -6.09 16.90 2.11
C GLN A 136 -5.20 18.14 2.09
N GLY A 137 -4.59 18.47 3.22
CA GLY A 137 -3.76 19.65 3.34
C GLY A 137 -2.45 19.58 2.59
N ALA A 138 -2.06 18.37 2.19
CA ALA A 138 -0.84 18.19 1.43
C ALA A 138 -1.16 18.00 -0.05
N ALA A 139 -2.45 17.79 -0.34
CA ALA A 139 -2.88 17.37 -1.67
C ALA A 139 -2.48 18.29 -2.84
N ASP A 140 -2.67 19.59 -2.69
CA ASP A 140 -2.30 20.52 -3.77
C ASP A 140 -0.80 20.46 -4.01
N GLU A 141 -0.02 20.34 -2.93
CA GLU A 141 1.43 20.24 -3.07
C GLU A 141 1.86 18.88 -3.62
N ILE A 142 1.17 17.82 -3.24
CA ILE A 142 1.46 16.51 -3.81
C ILE A 142 1.18 16.53 -5.32
N ALA A 143 0.07 17.15 -5.71
CA ALA A 143 -0.26 17.28 -7.12
C ALA A 143 0.81 18.07 -7.87
N ARG A 144 1.20 19.21 -7.31
CA ARG A 144 2.22 20.05 -7.93
C ARG A 144 3.55 19.31 -8.07
N MET A 145 3.89 18.53 -7.05
CA MET A 145 5.06 17.65 -7.09
C MET A 145 4.95 16.67 -8.25
N GLY A 146 3.78 16.04 -8.40
CA GLY A 146 3.56 15.16 -9.53
C GLY A 146 3.86 15.87 -10.84
N VAL A 147 3.33 17.07 -11.01
CA VAL A 147 3.53 17.80 -12.26
C VAL A 147 5.02 18.08 -12.48
N ASP A 148 5.71 18.49 -11.41
CA ASP A 148 7.14 18.74 -11.49
C ASP A 148 7.94 17.48 -11.86
N LEU A 149 7.49 16.32 -11.41
CA LEU A 149 8.16 15.05 -11.70
C LEU A 149 7.82 14.50 -13.07
N GLY A 150 6.85 15.12 -13.74
CA GLY A 150 6.43 14.66 -15.07
C GLY A 150 5.36 13.59 -15.04
N VAL A 151 4.68 13.42 -13.91
CA VAL A 151 3.55 12.52 -13.83
C VAL A 151 2.44 13.01 -14.78
N LYS A 152 1.85 12.08 -15.54
CA LYS A 152 0.81 12.46 -16.50
C LYS A 152 -0.55 11.90 -16.13
N ASN A 153 -0.58 10.97 -15.16
CA ASN A 153 -1.81 10.29 -14.79
C ASN A 153 -2.08 10.42 -13.30
N TYR A 154 -3.34 10.72 -12.93
CA TYR A 154 -3.66 11.08 -11.55
C TYR A 154 -4.95 10.43 -11.10
N VAL A 155 -5.08 10.27 -9.78
CA VAL A 155 -6.30 9.78 -9.17
C VAL A 155 -6.73 10.83 -8.15
N GLY A 156 -8.01 11.23 -8.20
CA GLY A 156 -8.55 12.18 -7.23
C GLY A 156 -9.98 11.86 -6.87
N PRO A 157 -10.48 12.46 -5.79
CA PRO A 157 -11.72 11.96 -5.15
C PRO A 157 -13.03 12.53 -5.66
N SER A 158 -13.93 11.67 -6.09
N SER A 158 -13.92 11.63 -6.08
CA SER A 158 -15.22 12.18 -6.58
CA SER A 158 -15.26 12.01 -6.57
C SER A 158 -16.05 12.76 -5.45
C SER A 158 -16.13 12.61 -5.47
N THR A 159 -15.83 12.27 -4.22
CA THR A 159 -16.63 12.69 -3.08
C THR A 159 -16.34 14.12 -2.61
N ARG A 160 -15.31 14.73 -3.21
CA ARG A 160 -14.93 16.09 -2.86
C ARG A 160 -14.70 16.90 -4.12
N PRO A 161 -15.79 17.38 -4.75
CA PRO A 161 -15.75 18.08 -6.04
C PRO A 161 -14.79 19.27 -6.06
N GLU A 162 -14.72 20.00 -4.96
CA GLU A 162 -13.86 21.17 -4.89
C GLU A 162 -12.39 20.77 -4.96
N ARG A 163 -12.07 19.65 -4.34
CA ARG A 163 -10.73 19.11 -4.36
C ARG A 163 -10.40 18.50 -5.72
N LEU A 164 -11.38 17.82 -6.32
CA LEU A 164 -11.18 17.22 -7.62
C LEU A 164 -10.96 18.29 -8.69
N SER A 165 -11.74 19.37 -8.59
N SER A 165 -11.75 19.37 -8.60
CA SER A 165 -11.65 20.49 -9.53
CA SER A 165 -11.62 20.46 -9.56
C SER A 165 -10.30 21.19 -9.41
C SER A 165 -10.26 21.15 -9.41
N ARG A 166 -9.80 21.34 -8.18
CA ARG A 166 -8.51 21.99 -7.96
C ARG A 166 -7.39 21.10 -8.50
N LEU A 167 -7.53 19.79 -8.28
CA LEU A 167 -6.54 18.85 -8.81
C LEU A 167 -6.46 18.96 -10.34
N ARG A 168 -7.61 19.01 -11.01
CA ARG A 168 -7.62 19.17 -12.47
C ARG A 168 -6.92 20.47 -12.88
N GLU A 169 -7.18 21.55 -12.14
CA GLU A 169 -6.52 22.83 -12.44
C GLU A 169 -5.00 22.67 -12.37
N ILE A 170 -4.53 22.04 -11.29
CA ILE A 170 -3.10 21.92 -11.09
C ILE A 170 -2.43 21.08 -12.17
N ILE A 171 -3.05 19.96 -12.54
CA ILE A 171 -2.43 19.05 -13.51
C ILE A 171 -2.64 19.45 -14.97
N GLY A 172 -3.62 20.33 -15.22
CA GLY A 172 -3.89 20.79 -16.58
C GLY A 172 -4.82 19.84 -17.34
N GLN A 173 -5.34 20.33 -18.44
CA GLN A 173 -6.32 19.59 -19.22
C GLN A 173 -5.68 18.41 -19.97
N ASP A 174 -4.37 18.46 -20.20
CA ASP A 174 -3.70 17.40 -20.96
C ASP A 174 -3.42 16.14 -20.16
N SER A 175 -3.34 16.29 -18.83
CA SER A 175 -3.11 15.15 -17.96
C SER A 175 -4.35 14.28 -17.87
N PHE A 176 -4.16 13.02 -17.46
CA PHE A 176 -5.25 12.07 -17.38
C PHE A 176 -5.64 11.91 -15.93
N LEU A 177 -6.94 11.99 -15.65
CA LEU A 177 -7.44 11.98 -14.28
C LEU A 177 -8.58 10.96 -14.15
N ILE A 178 -8.42 10.02 -13.22
CA ILE A 178 -9.49 9.07 -12.95
C ILE A 178 -9.94 9.25 -11.51
N SER A 179 -11.20 8.92 -11.22
N SER A 179 -11.21 8.95 -11.24
CA SER A 179 -11.81 9.32 -9.96
CA SER A 179 -11.80 9.29 -9.95
C SER A 179 -12.75 8.26 -9.37
C SER A 179 -12.72 8.22 -9.40
N PRO A 180 -12.40 7.72 -8.20
CA PRO A 180 -13.25 6.76 -7.48
C PRO A 180 -14.14 7.45 -6.45
N GLY A 181 -15.05 6.68 -5.87
CA GLY A 181 -16.00 7.21 -4.91
C GLY A 181 -17.38 7.45 -5.51
N VAL A 182 -17.56 6.97 -6.73
CA VAL A 182 -18.82 7.11 -7.44
C VAL A 182 -19.73 5.94 -7.10
N GLY A 183 -20.98 6.25 -6.75
CA GLY A 183 -21.94 5.20 -6.41
C GLY A 183 -21.99 4.97 -4.91
N ALA A 184 -21.36 3.88 -4.46
CA ALA A 184 -21.44 3.49 -3.05
C ALA A 184 -21.01 4.61 -2.08
N GLN A 185 -19.98 5.36 -2.45
CA GLN A 185 -19.47 6.39 -1.56
C GLN A 185 -20.18 7.72 -1.75
N GLY A 186 -21.08 7.80 -2.72
CA GLY A 186 -21.94 8.96 -2.87
C GLY A 186 -21.63 9.90 -4.03
N GLY A 187 -20.50 9.70 -4.68
CA GLY A 187 -20.12 10.56 -5.79
C GLY A 187 -21.06 10.38 -6.98
N ASP A 188 -21.35 11.48 -7.67
CA ASP A 188 -22.24 11.44 -8.83
C ASP A 188 -21.44 11.28 -10.13
N PRO A 189 -21.85 10.36 -11.00
CA PRO A 189 -21.07 10.11 -12.22
C PRO A 189 -20.90 11.34 -13.12
N GLY A 190 -22.00 11.99 -13.50
CA GLY A 190 -21.92 13.15 -14.36
C GLY A 190 -21.10 14.29 -13.79
N GLU A 191 -21.33 14.61 -12.51
CA GLU A 191 -20.61 15.69 -11.87
C GLU A 191 -19.12 15.39 -11.82
N THR A 192 -18.77 14.12 -11.58
CA THR A 192 -17.37 13.75 -11.49
C THR A 192 -16.68 13.91 -12.84
N LEU A 193 -17.40 13.60 -13.90
CA LEU A 193 -16.85 13.69 -15.25
C LEU A 193 -16.70 15.12 -15.77
N ARG A 194 -17.15 16.11 -15.00
CA ARG A 194 -16.84 17.50 -15.32
C ARG A 194 -15.34 17.72 -15.22
N PHE A 195 -14.70 16.94 -14.36
CA PHE A 195 -13.28 17.12 -14.08
C PHE A 195 -12.42 15.91 -14.42
N ALA A 196 -12.92 14.71 -14.15
CA ALA A 196 -12.17 13.50 -14.42
C ALA A 196 -12.39 13.02 -15.85
N ASP A 197 -11.37 12.42 -16.44
CA ASP A 197 -11.53 11.74 -17.73
C ASP A 197 -12.39 10.47 -17.61
N ALA A 198 -12.27 9.78 -16.49
CA ALA A 198 -13.01 8.53 -16.27
C ALA A 198 -13.36 8.38 -14.80
N ILE A 199 -14.48 7.69 -14.57
CA ILE A 199 -14.89 7.35 -13.23
C ILE A 199 -14.57 5.91 -12.93
N ILE A 200 -14.21 5.65 -11.67
CA ILE A 200 -13.98 4.30 -11.17
C ILE A 200 -15.22 3.91 -10.38
N VAL A 201 -15.77 2.73 -10.66
CA VAL A 201 -16.98 2.25 -9.98
C VAL A 201 -16.78 0.80 -9.58
N GLY A 202 -16.95 0.52 -8.29
CA GLY A 202 -16.82 -0.83 -7.75
C GLY A 202 -18.16 -1.42 -7.36
N ARG A 203 -18.52 -1.28 -6.08
CA ARG A 203 -19.67 -1.98 -5.50
C ARG A 203 -21.01 -1.78 -6.21
N SER A 204 -21.27 -0.57 -6.71
N SER A 204 -21.29 -0.57 -6.71
CA SER A 204 -22.51 -0.28 -7.43
CA SER A 204 -22.58 -0.36 -7.36
C SER A 204 -22.71 -1.25 -8.59
C SER A 204 -22.70 -1.12 -8.68
N ILE A 205 -21.60 -1.69 -9.16
CA ILE A 205 -21.66 -2.63 -10.27
C ILE A 205 -21.49 -4.05 -9.75
N TYR A 206 -20.41 -4.33 -9.01
CA TYR A 206 -20.12 -5.73 -8.71
C TYR A 206 -21.00 -6.42 -7.66
N LEU A 207 -21.74 -5.64 -6.88
CA LEU A 207 -22.69 -6.21 -5.92
C LEU A 207 -24.11 -6.20 -6.45
N ALA A 208 -24.31 -5.63 -7.64
CA ALA A 208 -25.65 -5.59 -8.24
C ALA A 208 -26.15 -6.97 -8.63
N ASP A 209 -27.47 -7.16 -8.56
CA ASP A 209 -28.06 -8.40 -9.02
C ASP A 209 -27.71 -8.63 -10.48
N ASN A 210 -27.68 -7.55 -11.25
CA ASN A 210 -27.30 -7.60 -12.65
C ASN A 210 -26.24 -6.54 -12.92
N PRO A 211 -24.97 -6.92 -12.79
CA PRO A 211 -23.88 -5.95 -12.99
C PRO A 211 -23.94 -5.27 -14.37
N ALA A 212 -24.33 -6.01 -15.40
CA ALA A 212 -24.48 -5.44 -16.74
C ALA A 212 -25.51 -4.32 -16.77
N ALA A 213 -26.67 -4.56 -16.15
CA ALA A 213 -27.70 -3.54 -16.07
C ALA A 213 -27.21 -2.34 -15.26
N ALA A 214 -26.45 -2.61 -14.20
CA ALA A 214 -25.94 -1.52 -13.37
C ALA A 214 -24.99 -0.63 -14.18
N ALA A 215 -24.06 -1.26 -14.88
CA ALA A 215 -23.13 -0.52 -15.73
C ALA A 215 -23.86 0.25 -16.84
N ALA A 216 -24.81 -0.42 -17.50
CA ALA A 216 -25.60 0.22 -18.54
C ALA A 216 -26.33 1.44 -18.00
N GLY A 217 -26.82 1.35 -16.77
CA GLY A 217 -27.55 2.45 -16.16
C GLY A 217 -26.66 3.63 -15.86
N ILE A 218 -25.44 3.37 -15.42
CA ILE A 218 -24.48 4.44 -15.16
C ILE A 218 -24.15 5.13 -16.48
N ILE A 219 -23.90 4.33 -17.51
CA ILE A 219 -23.56 4.86 -18.82
C ILE A 219 -24.71 5.68 -19.43
N GLU A 220 -25.94 5.23 -19.25
CA GLU A 220 -27.11 5.96 -19.72
C GLU A 220 -27.19 7.35 -19.05
N SER A 221 -26.82 7.42 -17.79
CA SER A 221 -26.86 8.68 -17.05
C SER A 221 -25.81 9.69 -17.52
N ILE A 222 -24.77 9.22 -18.21
CA ILE A 222 -23.69 10.09 -18.68
C ILE A 222 -23.56 10.09 -20.20
N LYS A 223 -24.63 9.64 -20.86
CA LYS A 223 -24.68 9.48 -22.31
C LYS A 223 -24.20 10.69 -23.11
N ASP A 224 -24.57 11.89 -22.68
CA ASP A 224 -24.23 13.10 -23.40
C ASP A 224 -22.78 13.54 -23.17
N LEU A 225 -22.08 12.83 -22.29
CA LEU A 225 -20.69 13.15 -21.96
C LEU A 225 -19.71 12.22 -22.67
N LEU A 226 -20.22 11.32 -23.49
CA LEU A 226 -19.37 10.35 -24.16
C LEU A 226 -18.99 10.78 -25.57
N ASP B 7 3.30 -8.32 27.84
CA ASP B 7 2.12 -7.84 27.12
C ASP B 7 2.45 -7.54 25.66
N VAL B 8 3.74 -7.44 25.36
CA VAL B 8 4.18 -7.16 24.00
C VAL B 8 4.77 -8.38 23.32
N MET B 9 4.90 -8.28 22.01
CA MET B 9 5.58 -9.27 21.20
C MET B 9 7.03 -9.44 21.68
N ASP B 10 7.50 -10.68 21.73
CA ASP B 10 8.86 -10.99 22.20
C ASP B 10 9.75 -11.40 21.03
N VAL B 11 10.58 -10.47 20.56
CA VAL B 11 11.40 -10.68 19.38
C VAL B 11 12.81 -11.12 19.77
N MET B 12 13.19 -12.32 19.32
CA MET B 12 14.52 -12.88 19.61
C MET B 12 15.62 -11.92 19.16
N ASN B 13 16.56 -11.64 20.05
CA ASN B 13 17.70 -10.77 19.78
C ASN B 13 17.34 -9.35 19.32
N ARG B 14 16.10 -8.95 19.56
CA ARG B 14 15.62 -7.62 19.15
C ARG B 14 15.86 -7.35 17.65
N LEU B 15 15.88 -8.40 16.85
CA LEU B 15 16.24 -8.31 15.45
C LEU B 15 15.19 -8.95 14.54
N ILE B 16 14.63 -8.15 13.65
CA ILE B 16 13.62 -8.62 12.71
C ILE B 16 14.21 -8.59 11.31
N LEU B 17 14.17 -9.72 10.61
CA LEU B 17 14.71 -9.81 9.26
C LEU B 17 13.69 -9.28 8.26
N ALA B 18 14.09 -8.30 7.46
CA ALA B 18 13.24 -7.82 6.36
C ALA B 18 13.59 -8.65 5.14
N MET B 19 12.78 -9.66 4.87
CA MET B 19 13.08 -10.61 3.80
C MET B 19 12.49 -10.12 2.48
N ASP B 20 13.25 -9.27 1.79
CA ASP B 20 12.82 -8.64 0.55
C ASP B 20 13.48 -9.21 -0.70
N LEU B 21 14.11 -10.39 -0.58
CA LEU B 21 14.49 -11.14 -1.78
C LEU B 21 13.22 -11.53 -2.53
N MET B 22 13.34 -11.69 -3.85
CA MET B 22 12.16 -11.83 -4.68
C MET B 22 12.04 -13.17 -5.36
N ASN B 23 12.81 -14.13 -4.89
CA ASN B 23 12.57 -15.50 -5.33
C ASN B 23 12.62 -16.45 -4.16
N ARG B 24 11.76 -17.47 -4.25
CA ARG B 24 11.51 -18.38 -3.15
C ARG B 24 12.76 -19.12 -2.69
N ASP B 25 13.54 -19.64 -3.62
CA ASP B 25 14.73 -20.41 -3.26
C ASP B 25 15.71 -19.56 -2.45
N ASP B 26 16.03 -18.37 -2.94
CA ASP B 26 16.94 -17.49 -2.23
C ASP B 26 16.38 -17.06 -0.88
N ALA B 27 15.10 -16.70 -0.85
CA ALA B 27 14.49 -16.22 0.38
C ALA B 27 14.48 -17.30 1.47
N LEU B 28 14.13 -18.52 1.08
CA LEU B 28 14.13 -19.64 2.02
C LEU B 28 15.54 -19.98 2.47
N ARG B 29 16.50 -19.96 1.55
CA ARG B 29 17.87 -20.32 1.89
C ARG B 29 18.47 -19.30 2.86
N VAL B 30 18.35 -18.02 2.53
CA VAL B 30 18.91 -16.98 3.37
C VAL B 30 18.26 -16.95 4.75
N THR B 31 16.93 -17.06 4.80
CA THR B 31 16.24 -17.13 6.07
C THR B 31 16.71 -18.32 6.91
N GLY B 32 16.89 -19.47 6.26
CA GLY B 32 17.39 -20.65 6.95
C GLY B 32 18.79 -20.43 7.51
N GLU B 33 19.61 -19.69 6.78
CA GLU B 33 20.98 -19.43 7.21
C GLU B 33 21.04 -18.61 8.49
N VAL B 34 20.03 -17.76 8.69
CA VAL B 34 20.03 -16.88 9.86
C VAL B 34 19.02 -17.28 10.93
N ARG B 35 18.43 -18.46 10.78
CA ARG B 35 17.31 -18.84 11.63
C ARG B 35 17.67 -18.96 13.11
N GLU B 36 18.92 -19.30 13.42
CA GLU B 36 19.33 -19.41 14.80
C GLU B 36 19.33 -18.06 15.53
N TYR B 37 19.32 -16.98 14.76
CA TYR B 37 19.43 -15.63 15.31
C TYR B 37 18.10 -14.90 15.42
N ILE B 38 17.07 -15.40 14.78
CA ILE B 38 15.81 -14.67 14.73
C ILE B 38 14.60 -15.57 14.97
N ASP B 39 13.49 -14.97 15.36
CA ASP B 39 12.24 -15.72 15.37
C ASP B 39 11.11 -14.88 14.79
N THR B 40 11.48 -13.81 14.09
CA THR B 40 10.50 -12.86 13.55
C THR B 40 10.97 -12.40 12.20
N VAL B 41 10.12 -12.57 11.18
CA VAL B 41 10.46 -12.17 9.82
C VAL B 41 9.42 -11.20 9.28
N LYS B 42 9.89 -10.09 8.72
CA LYS B 42 9.00 -9.15 8.04
C LYS B 42 8.96 -9.52 6.56
N ILE B 43 7.77 -9.86 6.08
CA ILE B 43 7.57 -10.21 4.67
C ILE B 43 6.74 -9.11 4.04
N GLY B 44 7.23 -8.59 2.93
CA GLY B 44 6.56 -7.48 2.27
C GLY B 44 6.13 -7.84 0.86
N TYR B 45 5.73 -6.81 0.14
CA TYR B 45 5.27 -7.01 -1.22
C TYR B 45 6.33 -7.49 -2.23
N PRO B 46 7.61 -7.10 -2.07
CA PRO B 46 8.57 -7.67 -3.03
C PRO B 46 8.52 -9.20 -3.08
N LEU B 47 8.48 -9.87 -1.93
CA LEU B 47 8.42 -11.32 -1.92
C LEU B 47 7.03 -11.86 -2.24
N VAL B 48 6.00 -11.27 -1.63
CA VAL B 48 4.64 -11.73 -1.84
C VAL B 48 4.15 -11.59 -3.29
N LEU B 49 4.48 -10.47 -3.95
CA LEU B 49 4.02 -10.28 -5.32
C LEU B 49 4.84 -11.10 -6.32
N SER B 50 6.00 -11.57 -5.89
CA SER B 50 6.82 -12.43 -6.74
C SER B 50 6.52 -13.91 -6.56
N GLU B 51 6.19 -14.31 -5.34
CA GLU B 51 6.04 -15.74 -5.05
C GLU B 51 4.68 -16.18 -4.51
N GLY B 52 3.81 -15.22 -4.22
CA GLY B 52 2.48 -15.57 -3.77
C GLY B 52 2.32 -15.50 -2.26
N MET B 53 1.08 -15.32 -1.81
CA MET B 53 0.80 -15.27 -0.39
C MET B 53 1.05 -16.60 0.33
N ASP B 54 1.10 -17.71 -0.41
CA ASP B 54 1.40 -19.01 0.20
C ASP B 54 2.78 -19.05 0.84
N ILE B 55 3.64 -18.10 0.49
CA ILE B 55 4.98 -18.06 1.05
C ILE B 55 4.93 -17.86 2.57
N ILE B 56 3.88 -17.23 3.07
CA ILE B 56 3.77 -16.97 4.50
C ILE B 56 3.60 -18.28 5.28
N ALA B 57 2.67 -19.11 4.83
CA ALA B 57 2.46 -20.41 5.48
C ALA B 57 3.72 -21.28 5.35
N GLU B 58 4.43 -21.15 4.23
CA GLU B 58 5.65 -21.92 4.05
C GLU B 58 6.74 -21.49 5.04
N PHE B 59 6.87 -20.18 5.27
CA PHE B 59 7.81 -19.71 6.29
C PHE B 59 7.45 -20.26 7.67
N ARG B 60 6.15 -20.29 7.99
CA ARG B 60 5.73 -20.85 9.27
C ARG B 60 6.03 -22.35 9.39
N LYS B 61 5.85 -23.07 8.29
CA LYS B 61 6.13 -24.51 8.26
C LYS B 61 7.61 -24.80 8.41
N ARG B 62 8.44 -24.01 7.74
CA ARG B 62 9.89 -24.24 7.72
C ARG B 62 10.60 -23.73 8.98
N PHE B 63 10.15 -22.60 9.50
CA PHE B 63 10.92 -21.90 10.54
C PHE B 63 10.20 -21.68 11.85
N GLY B 64 8.87 -21.74 11.82
CA GLY B 64 8.08 -21.50 13.01
C GLY B 64 8.42 -20.12 13.53
N CYS B 65 8.57 -19.17 12.63
N CYS B 65 8.59 -19.17 12.63
CA CYS B 65 8.83 -17.78 12.98
CA CYS B 65 8.83 -17.77 13.00
C CYS B 65 7.52 -17.01 12.97
C CYS B 65 7.50 -17.05 13.03
N ARG B 66 7.45 -15.90 13.71
CA ARG B 66 6.29 -15.05 13.57
C ARG B 66 6.47 -14.23 12.30
N ILE B 67 5.37 -13.84 11.70
CA ILE B 67 5.41 -13.14 10.42
C ILE B 67 4.68 -11.81 10.51
N ILE B 68 5.39 -10.75 10.21
CA ILE B 68 4.80 -9.42 10.11
C ILE B 68 4.64 -9.10 8.64
N ALA B 69 3.40 -8.91 8.19
CA ALA B 69 3.13 -8.56 6.80
C ALA B 69 3.28 -7.06 6.60
N ASP B 70 4.35 -6.67 5.92
CA ASP B 70 4.62 -5.24 5.74
C ASP B 70 3.96 -4.78 4.47
N PHE B 71 2.67 -4.46 4.56
CA PHE B 71 1.89 -4.16 3.38
C PHE B 71 1.55 -2.66 3.30
N LYS B 72 2.06 -1.87 4.25
CA LYS B 72 1.89 -0.41 4.21
C LYS B 72 0.44 -0.04 3.85
N VAL B 73 -0.51 -0.65 4.54
CA VAL B 73 -1.91 -0.56 4.13
C VAL B 73 -2.35 0.91 4.12
N ALA B 74 -2.93 1.34 3.00
CA ALA B 74 -3.12 2.77 2.80
C ALA B 74 -4.30 3.05 1.89
N ASP B 75 -5.39 2.33 2.10
CA ASP B 75 -6.59 2.49 1.27
C ASP B 75 -7.75 3.03 2.11
N ILE B 76 -8.93 3.09 1.50
CA ILE B 76 -10.15 3.47 2.21
C ILE B 76 -10.52 2.36 3.20
N PRO B 77 -11.34 2.69 4.22
CA PRO B 77 -11.68 1.66 5.22
C PRO B 77 -12.19 0.31 4.65
N GLU B 78 -13.11 0.36 3.69
CA GLU B 78 -13.68 -0.88 3.14
C GLU B 78 -12.64 -1.77 2.49
N THR B 79 -11.70 -1.15 1.77
CA THR B 79 -10.66 -1.89 1.10
C THR B 79 -9.61 -2.37 2.11
N ASN B 80 -9.27 -1.52 3.08
CA ASN B 80 -8.36 -1.93 4.14
C ASN B 80 -8.84 -3.18 4.85
N GLU B 81 -10.14 -3.26 5.12
N GLU B 81 -10.15 -3.24 5.09
CA GLU B 81 -10.70 -4.42 5.79
CA GLU B 81 -10.75 -4.40 5.75
C GLU B 81 -10.44 -5.69 4.97
C GLU B 81 -10.47 -5.66 4.95
N LYS B 82 -10.67 -5.60 3.66
N LYS B 82 -10.70 -5.60 3.64
CA LYS B 82 -10.47 -6.75 2.77
CA LYS B 82 -10.47 -6.75 2.76
C LYS B 82 -9.01 -7.16 2.71
C LYS B 82 -9.01 -7.16 2.74
N ILE B 83 -8.12 -6.18 2.64
CA ILE B 83 -6.68 -6.46 2.61
C ILE B 83 -6.25 -7.18 3.90
N CYS B 84 -6.72 -6.68 5.03
CA CYS B 84 -6.36 -7.30 6.31
C CYS B 84 -6.89 -8.72 6.39
N ARG B 85 -8.13 -8.92 5.94
N ARG B 85 -8.13 -8.93 5.96
CA ARG B 85 -8.71 -10.26 5.97
CA ARG B 85 -8.69 -10.27 5.97
C ARG B 85 -7.92 -11.25 5.11
C ARG B 85 -7.87 -11.24 5.13
N ALA B 86 -7.54 -10.84 3.90
CA ALA B 86 -6.76 -11.70 3.01
C ALA B 86 -5.39 -11.99 3.62
N THR B 87 -4.82 -10.99 4.28
CA THR B 87 -3.47 -11.10 4.82
C THR B 87 -3.44 -12.04 6.01
N PHE B 88 -4.41 -11.88 6.91
CA PHE B 88 -4.49 -12.78 8.06
C PHE B 88 -4.92 -14.20 7.66
N LYS B 89 -5.74 -14.33 6.61
CA LYS B 89 -6.06 -15.67 6.11
C LYS B 89 -4.80 -16.42 5.66
N ALA B 90 -3.82 -15.68 5.15
CA ALA B 90 -2.57 -16.27 4.70
C ALA B 90 -1.64 -16.63 5.85
N GLY B 91 -2.01 -16.26 7.07
CA GLY B 91 -1.25 -16.65 8.24
C GLY B 91 -0.32 -15.61 8.83
N ALA B 92 -0.41 -14.37 8.38
CA ALA B 92 0.38 -13.31 8.99
C ALA B 92 -0.06 -13.08 10.43
N ASP B 93 0.90 -12.83 11.31
CA ASP B 93 0.59 -12.53 12.72
C ASP B 93 0.28 -11.07 12.96
N ALA B 94 0.77 -10.23 12.07
CA ALA B 94 0.63 -8.78 12.23
C ALA B 94 0.68 -8.13 10.86
N ILE B 95 0.21 -6.89 10.76
CA ILE B 95 0.23 -6.16 9.52
C ILE B 95 0.64 -4.72 9.82
N ILE B 96 1.40 -4.13 8.90
CA ILE B 96 1.84 -2.74 9.04
C ILE B 96 0.92 -1.85 8.21
N VAL B 97 0.41 -0.80 8.86
N VAL B 97 0.37 -0.82 8.86
CA VAL B 97 -0.61 0.09 8.31
CA VAL B 97 -0.53 0.07 8.18
C VAL B 97 -0.12 1.54 8.35
C VAL B 97 -0.03 1.50 8.29
N HIS B 98 -0.27 2.27 7.24
CA HIS B 98 0.05 3.70 7.25
C HIS B 98 -0.96 4.47 8.06
N GLY B 99 -0.49 5.48 8.78
CA GLY B 99 -1.39 6.36 9.51
C GLY B 99 -1.87 7.56 8.71
N PHE B 100 -1.08 7.98 7.72
N PHE B 100 -1.09 7.99 7.72
CA PHE B 100 -1.37 9.20 6.96
CA PHE B 100 -1.42 9.21 6.98
C PHE B 100 -2.79 9.28 6.34
C PHE B 100 -2.82 9.28 6.34
N PRO B 101 -3.36 8.15 5.84
CA PRO B 101 -4.73 8.26 5.32
C PRO B 101 -5.83 8.52 6.35
N GLY B 102 -5.49 8.48 7.64
CA GLY B 102 -6.46 8.90 8.65
C GLY B 102 -7.00 7.81 9.56
N ALA B 103 -7.77 8.23 10.56
CA ALA B 103 -8.16 7.35 11.65
C ALA B 103 -9.10 6.22 11.24
N ASP B 104 -10.05 6.55 10.35
N ASP B 104 -10.07 6.54 10.37
CA ASP B 104 -11.03 5.58 9.90
CA ASP B 104 -11.03 5.52 9.94
C ASP B 104 -10.38 4.40 9.18
C ASP B 104 -10.32 4.37 9.23
N SER B 105 -9.35 4.69 8.38
CA SER B 105 -8.61 3.65 7.69
C SER B 105 -7.79 2.77 8.66
N VAL B 106 -7.27 3.35 9.73
CA VAL B 106 -6.58 2.56 10.74
C VAL B 106 -7.57 1.69 11.53
N ARG B 107 -8.70 2.28 11.88
N ARG B 107 -8.70 2.29 11.88
CA ARG B 107 -9.71 1.54 12.65
CA ARG B 107 -9.74 1.58 12.62
C ARG B 107 -10.22 0.30 11.91
C ARG B 107 -10.17 0.31 11.90
N ALA B 108 -10.36 0.42 10.60
CA ALA B 108 -10.77 -0.73 9.78
C ALA B 108 -9.81 -1.91 9.97
N CYS B 109 -8.52 -1.61 10.01
CA CYS B 109 -7.51 -2.64 10.22
C CYS B 109 -7.55 -3.20 11.65
N LEU B 110 -7.67 -2.31 12.62
CA LEU B 110 -7.77 -2.74 14.01
C LEU B 110 -8.95 -3.71 14.22
N ASN B 111 -10.09 -3.42 13.60
CA ASN B 111 -11.25 -4.31 13.72
C ASN B 111 -10.94 -5.73 13.25
N VAL B 112 -10.32 -5.87 12.08
CA VAL B 112 -10.06 -7.19 11.52
C VAL B 112 -9.01 -7.93 12.37
N ALA B 113 -7.99 -7.21 12.80
CA ALA B 113 -6.95 -7.81 13.64
C ALA B 113 -7.53 -8.37 14.94
N GLU B 114 -8.45 -7.63 15.56
CA GLU B 114 -9.09 -8.12 16.78
C GLU B 114 -9.91 -9.38 16.50
N GLU B 115 -10.59 -9.39 15.36
CA GLU B 115 -11.46 -10.50 14.99
C GLU B 115 -10.67 -11.78 14.76
N MET B 116 -9.43 -11.65 14.30
CA MET B 116 -8.65 -12.81 13.86
C MET B 116 -7.46 -13.13 14.77
N GLY B 117 -7.32 -12.40 15.87
CA GLY B 117 -6.24 -12.62 16.81
C GLY B 117 -4.87 -12.18 16.31
N ARG B 118 -4.80 -10.98 15.76
CA ARG B 118 -3.57 -10.46 15.21
C ARG B 118 -3.29 -9.04 15.70
N GLU B 119 -2.16 -8.49 15.27
CA GLU B 119 -1.74 -7.17 15.70
C GLU B 119 -1.60 -6.22 14.52
N VAL B 120 -1.93 -4.95 14.76
CA VAL B 120 -1.67 -3.86 13.81
C VAL B 120 -0.47 -3.04 14.28
N PHE B 121 0.47 -2.79 13.37
CA PHE B 121 1.59 -1.88 13.61
C PHE B 121 1.30 -0.62 12.84
N LEU B 122 1.34 0.52 13.52
CA LEU B 122 1.10 1.82 12.87
C LEU B 122 2.41 2.48 12.46
N LEU B 123 2.58 2.68 11.15
CA LEU B 123 3.73 3.40 10.61
C LEU B 123 3.47 4.89 10.68
N THR B 124 4.30 5.62 11.43
CA THR B 124 4.06 7.05 11.67
C THR B 124 4.94 8.03 10.88
N GLU B 125 6.21 7.70 10.73
CA GLU B 125 7.14 8.48 9.90
C GLU B 125 8.06 7.47 9.24
N MET B 126 8.33 7.68 7.94
CA MET B 126 9.19 6.78 7.18
C MET B 126 10.67 7.17 7.24
N SER B 127 11.54 6.22 6.92
CA SER B 127 12.98 6.41 7.07
C SER B 127 13.66 7.07 5.89
N SER B 128 12.98 7.09 4.74
CA SER B 128 13.55 7.61 3.51
C SER B 128 13.52 9.15 3.45
N PRO B 129 14.40 9.75 2.66
CA PRO B 129 14.48 11.22 2.64
C PRO B 129 13.17 11.94 2.31
N GLY B 130 12.39 11.39 1.38
CA GLY B 130 11.15 12.03 0.97
C GLY B 130 10.12 12.16 2.08
N ALA B 131 10.26 11.36 3.14
CA ALA B 131 9.38 11.46 4.30
C ALA B 131 9.34 12.87 4.90
N GLU B 132 10.39 13.66 4.70
CA GLU B 132 10.46 15.00 5.25
C GLU B 132 9.43 15.92 4.60
N MET B 133 8.98 15.58 3.39
CA MET B 133 8.14 16.49 2.62
C MET B 133 6.74 16.65 3.21
N PHE B 134 6.07 15.53 3.45
CA PHE B 134 4.69 15.54 3.95
C PHE B 134 4.48 14.76 5.24
N ILE B 135 5.12 13.61 5.39
CA ILE B 135 4.81 12.75 6.52
C ILE B 135 5.34 13.30 7.83
N GLN B 136 6.58 13.79 7.82
CA GLN B 136 7.24 14.16 9.06
C GLN B 136 6.43 15.20 9.84
N GLY B 137 5.88 16.19 9.14
CA GLY B 137 5.12 17.25 9.79
C GLY B 137 3.82 16.78 10.42
N ALA B 138 3.35 15.61 10.01
CA ALA B 138 2.13 15.03 10.53
C ALA B 138 2.40 13.91 11.54
N ALA B 139 3.64 13.46 11.63
CA ALA B 139 3.98 12.24 12.34
C ALA B 139 3.64 12.23 13.83
N ASP B 140 3.87 13.34 14.53
CA ASP B 140 3.55 13.36 15.96
C ASP B 140 2.05 13.22 16.13
N GLU B 141 1.30 13.87 15.25
CA GLU B 141 -0.16 13.81 15.29
C GLU B 141 -0.67 12.42 14.93
N ILE B 142 -0.03 11.79 13.96
CA ILE B 142 -0.36 10.42 13.62
C ILE B 142 -0.12 9.50 14.83
N ALA B 143 0.98 9.72 15.54
CA ALA B 143 1.28 8.92 16.71
C ALA B 143 0.23 9.12 17.81
N ARG B 144 -0.17 10.37 18.06
CA ARG B 144 -1.21 10.64 19.04
C ARG B 144 -2.54 10.01 18.63
N MET B 145 -2.80 9.99 17.33
CA MET B 145 -3.99 9.31 16.81
C MET B 145 -3.92 7.81 17.15
N GLY B 146 -2.75 7.21 16.95
CA GLY B 146 -2.53 5.83 17.35
C GLY B 146 -2.89 5.61 18.81
N VAL B 147 -2.39 6.49 19.68
CA VAL B 147 -2.68 6.38 21.10
C VAL B 147 -4.19 6.48 21.38
N ASP B 148 -4.84 7.46 20.75
CA ASP B 148 -6.28 7.63 20.87
C ASP B 148 -7.05 6.37 20.44
N LEU B 149 -6.57 5.70 19.40
CA LEU B 149 -7.25 4.51 18.85
C LEU B 149 -6.93 3.23 19.60
N GLY B 150 -6.00 3.30 20.55
CA GLY B 150 -5.59 2.12 21.29
C GLY B 150 -4.54 1.27 20.59
N VAL B 151 -3.86 1.84 19.60
CA VAL B 151 -2.75 1.15 18.94
C VAL B 151 -1.61 0.95 19.94
N LYS B 152 -1.06 -0.26 19.96
CA LYS B 152 0.00 -0.61 20.88
C LYS B 152 1.34 -0.87 20.19
N ASN B 153 1.34 -0.93 18.86
CA ASN B 153 2.53 -1.32 18.09
C ASN B 153 2.79 -0.27 17.02
N TYR B 154 4.04 0.19 16.92
CA TYR B 154 4.39 1.32 16.07
C TYR B 154 5.67 1.05 15.27
N VAL B 155 5.83 1.80 14.18
CA VAL B 155 7.04 1.75 13.36
C VAL B 155 7.53 3.18 13.16
N GLY B 156 8.81 3.42 13.42
CA GLY B 156 9.41 4.73 13.21
C GLY B 156 10.86 4.59 12.76
N PRO B 157 11.47 5.70 12.32
CA PRO B 157 12.68 5.64 11.49
C PRO B 157 14.03 5.63 12.21
N SER B 158 14.84 4.61 11.91
CA SER B 158 16.20 4.50 12.46
C SER B 158 17.09 5.64 11.98
N THR B 159 16.79 6.14 10.78
CA THR B 159 17.61 7.16 10.14
C THR B 159 17.48 8.54 10.80
N ARG B 160 16.48 8.70 11.66
CA ARG B 160 16.31 9.96 12.38
C ARG B 160 16.07 9.68 13.87
N PRO B 161 17.13 9.41 14.62
CA PRO B 161 16.98 9.01 16.03
C PRO B 161 16.23 10.01 16.89
N GLU B 162 16.33 11.30 16.56
CA GLU B 162 15.59 12.31 17.32
C GLU B 162 14.07 12.20 17.06
N ARG B 163 13.70 11.77 15.85
CA ARG B 163 12.28 11.55 15.52
C ARG B 163 11.81 10.24 16.14
N LEU B 164 12.67 9.23 16.14
CA LEU B 164 12.36 7.97 16.80
C LEU B 164 12.19 8.16 18.31
N SER B 165 13.06 8.96 18.94
N SER B 165 13.05 8.97 18.92
CA SER B 165 12.91 9.23 20.36
CA SER B 165 12.93 9.24 20.36
C SER B 165 11.60 9.95 20.64
C SER B 165 11.64 9.99 20.67
N ARG B 166 11.25 10.92 19.80
CA ARG B 166 9.99 11.65 19.98
C ARG B 166 8.81 10.70 19.89
N LEU B 167 8.84 9.78 18.92
CA LEU B 167 7.78 8.79 18.79
C LEU B 167 7.67 7.96 20.06
N ARG B 168 8.80 7.48 20.58
CA ARG B 168 8.79 6.75 21.84
C ARG B 168 8.17 7.58 22.97
N GLU B 169 8.53 8.86 23.06
CA GLU B 169 7.96 9.75 24.07
C GLU B 169 6.43 9.79 23.98
N ILE B 170 5.93 9.93 22.76
CA ILE B 170 4.49 10.03 22.58
C ILE B 170 3.76 8.75 22.98
N ILE B 171 4.27 7.60 22.52
CA ILE B 171 3.56 6.34 22.72
C ILE B 171 3.78 5.71 24.09
N GLY B 172 4.83 6.14 24.79
CA GLY B 172 5.12 5.62 26.12
C GLY B 172 5.99 4.38 26.10
N GLN B 173 6.59 4.05 27.24
CA GLN B 173 7.51 2.91 27.32
C GLN B 173 6.81 1.56 27.18
N ASP B 174 5.51 1.54 27.40
CA ASP B 174 4.74 0.29 27.38
C ASP B 174 4.36 -0.17 25.97
N SER B 175 4.31 0.77 25.03
CA SER B 175 4.03 0.43 23.64
C SER B 175 5.22 -0.26 23.00
N PHE B 176 4.97 -0.95 21.90
CA PHE B 176 6.01 -1.71 21.20
C PHE B 176 6.39 -0.96 19.93
N LEU B 177 7.69 -0.81 19.71
CA LEU B 177 8.20 0.04 18.64
C LEU B 177 9.29 -0.69 17.89
N ILE B 178 9.12 -0.83 16.57
CA ILE B 178 10.14 -1.43 15.72
C ILE B 178 10.61 -0.40 14.70
N SER B 179 11.84 -0.56 14.24
CA SER B 179 12.44 0.52 13.48
C SER B 179 13.33 0.02 12.34
N PRO B 180 12.97 0.37 11.09
CA PRO B 180 13.78 0.06 9.91
C PRO B 180 14.71 1.22 9.53
N GLY B 181 15.63 0.95 8.62
CA GLY B 181 16.62 1.91 8.19
C GLY B 181 17.98 1.67 8.80
N VAL B 182 18.17 0.50 9.41
CA VAL B 182 19.41 0.11 10.07
C VAL B 182 20.32 -0.52 9.03
N GLY B 183 21.56 -0.07 8.96
CA GLY B 183 22.52 -0.68 8.04
C GLY B 183 22.56 0.05 6.71
N ALA B 184 21.92 -0.53 5.69
CA ALA B 184 21.97 0.03 4.34
C ALA B 184 21.54 1.51 4.26
N GLN B 185 20.50 1.88 5.01
CA GLN B 185 20.03 3.26 4.98
C GLN B 185 20.79 4.19 5.94
N GLY B 186 21.69 3.61 6.74
CA GLY B 186 22.57 4.41 7.58
C GLY B 186 22.33 4.38 9.08
N GLY B 187 21.20 3.82 9.51
CA GLY B 187 20.89 3.77 10.92
C GLY B 187 21.83 2.84 11.68
N ASP B 188 22.11 3.17 12.93
CA ASP B 188 22.98 2.38 13.78
C ASP B 188 22.16 1.45 14.68
N PRO B 189 22.54 0.16 14.75
CA PRO B 189 21.75 -0.76 15.57
C PRO B 189 21.64 -0.36 17.04
N GLY B 190 22.75 -0.10 17.73
CA GLY B 190 22.70 0.27 19.13
C GLY B 190 21.95 1.56 19.44
N GLU B 191 22.16 2.59 18.65
CA GLU B 191 21.49 3.86 18.89
C GLU B 191 19.99 3.70 18.70
N THR B 192 19.60 2.91 17.71
CA THR B 192 18.19 2.71 17.41
C THR B 192 17.49 1.99 18.58
N LEU B 193 18.19 1.06 19.21
CA LEU B 193 17.64 0.27 20.31
C LEU B 193 17.58 1.05 21.62
N ARG B 194 18.10 2.28 21.65
CA ARG B 194 17.85 3.17 22.77
C ARG B 194 16.36 3.48 22.85
N PHE B 195 15.68 3.45 21.70
CA PHE B 195 14.29 3.89 21.62
C PHE B 195 13.34 2.81 21.14
N ALA B 196 13.77 2.02 20.18
CA ALA B 196 12.96 0.93 19.65
C ALA B 196 13.16 -0.35 20.43
N ASP B 197 12.10 -1.15 20.52
CA ASP B 197 12.19 -2.49 21.09
C ASP B 197 12.97 -3.44 20.18
N ALA B 198 12.82 -3.26 18.87
CA ALA B 198 13.50 -4.14 17.92
C ALA B 198 13.89 -3.38 16.66
N ILE B 199 14.98 -3.81 16.05
CA ILE B 199 15.41 -3.25 14.77
C ILE B 199 15.02 -4.16 13.62
N ILE B 200 14.66 -3.54 12.51
CA ILE B 200 14.38 -4.25 11.28
C ILE B 200 15.62 -4.13 10.40
N VAL B 201 16.14 -5.25 9.89
CA VAL B 201 17.31 -5.23 9.03
C VAL B 201 17.06 -6.08 7.79
N GLY B 202 17.24 -5.47 6.62
CA GLY B 202 17.09 -6.18 5.36
C GLY B 202 18.42 -6.42 4.67
N ARG B 203 18.80 -5.49 3.78
CA ARG B 203 19.94 -5.68 2.89
C ARG B 203 21.28 -6.00 3.57
N SER B 204 21.54 -5.39 4.72
CA SER B 204 22.78 -5.66 5.46
C SER B 204 22.95 -7.14 5.77
N ILE B 205 21.83 -7.85 5.89
CA ILE B 205 21.86 -9.29 6.08
C ILE B 205 21.66 -10.04 4.76
N TYR B 206 20.58 -9.76 4.04
CA TYR B 206 20.25 -10.63 2.89
C TYR B 206 21.10 -10.44 1.63
N LEU B 207 21.81 -9.32 1.54
CA LEU B 207 22.74 -9.11 0.43
C LEU B 207 24.19 -9.37 0.83
N ALA B 208 24.40 -9.74 2.10
CA ALA B 208 25.75 -10.05 2.58
C ALA B 208 26.30 -11.30 1.91
N ASP B 209 27.63 -11.39 1.79
CA ASP B 209 28.26 -12.60 1.26
C ASP B 209 27.92 -13.77 2.18
N ASN B 210 27.96 -13.48 3.47
CA ASN B 210 27.63 -14.46 4.52
C ASN B 210 26.57 -13.84 5.43
N PRO B 211 25.28 -14.09 5.12
CA PRO B 211 24.19 -13.52 5.92
C PRO B 211 24.25 -13.92 7.40
N ALA B 212 24.63 -15.15 7.69
CA ALA B 212 24.74 -15.60 9.08
C ALA B 212 25.77 -14.77 9.84
N ALA B 213 26.93 -14.56 9.23
CA ALA B 213 27.97 -13.73 9.84
C ALA B 213 27.51 -12.29 10.00
N ALA B 214 26.73 -11.81 9.03
CA ALA B 214 26.20 -10.45 9.08
C ALA B 214 25.27 -10.29 10.27
N ALA B 215 24.36 -11.24 10.44
CA ALA B 215 23.42 -11.22 11.56
C ALA B 215 24.16 -11.35 12.90
N ALA B 216 25.09 -12.31 12.96
CA ALA B 216 25.87 -12.51 14.16
C ALA B 216 26.62 -11.23 14.55
N GLY B 217 27.15 -10.53 13.55
CA GLY B 217 27.91 -9.31 13.77
C GLY B 217 27.05 -8.21 14.35
N ILE B 218 25.84 -8.07 13.82
CA ILE B 218 24.91 -7.07 14.32
C ILE B 218 24.56 -7.36 15.77
N ILE B 219 24.31 -8.63 16.07
CA ILE B 219 23.95 -9.03 17.42
C ILE B 219 25.10 -8.82 18.40
N GLU B 220 26.32 -9.10 17.96
CA GLU B 220 27.51 -8.82 18.76
C GLU B 220 27.60 -7.35 19.15
N SER B 221 27.26 -6.48 18.20
CA SER B 221 27.36 -5.04 18.43
C SER B 221 26.34 -4.52 19.43
N ILE B 222 25.27 -5.28 19.67
CA ILE B 222 24.25 -4.87 20.62
C ILE B 222 24.10 -5.83 21.79
N LYS B 223 25.09 -6.71 21.96
CA LYS B 223 24.95 -7.81 22.92
C LYS B 223 24.62 -7.38 24.34
N ASP B 224 25.12 -6.20 24.74
CA ASP B 224 24.83 -5.69 26.08
C ASP B 224 23.47 -5.02 26.19
N LEU B 225 22.72 -5.01 25.08
CA LEU B 225 21.37 -4.49 25.06
C LEU B 225 20.35 -5.62 25.01
N LEU B 226 20.84 -6.86 25.05
CA LEU B 226 19.96 -8.02 24.95
C LEU B 226 19.71 -8.63 26.33
P BMP C . -16.40 1.50 -4.69
OP1 BMP C . -16.51 2.49 -3.58
OP2 BMP C . -16.91 0.06 -4.35
OP3 BMP C . -17.06 2.05 -6.01
O5' BMP C . -14.86 1.24 -5.00
C5' BMP C . -13.88 2.25 -4.94
C4' BMP C . -12.56 1.69 -5.36
O4' BMP C . -11.61 2.75 -5.56
C3' BMP C . -11.92 0.74 -4.35
O3' BMP C . -11.13 -0.24 -5.03
C2' BMP C . -11.02 1.66 -3.54
O2' BMP C . -9.94 0.97 -2.95
C1' BMP C . -10.56 2.66 -4.62
N1 BMP C . -10.29 4.02 -4.13
C2 BMP C . -11.20 4.74 -3.44
O2 BMP C . -12.31 4.29 -3.15
N3 BMP C . -10.89 6.00 -3.02
C4 BMP C . -9.71 6.60 -3.29
O4 BMP C . -9.51 7.73 -2.88
C5 BMP C . -8.75 5.88 -4.03
C6 BMP C . -9.08 4.61 -4.46
O1 BMP C . -8.22 3.91 -5.19
P BMP D . 16.76 -2.42 4.47
OP1 BMP D . 16.93 -0.95 4.26
OP2 BMP D . 17.24 -3.31 3.26
OP3 BMP D . 17.45 -2.84 5.83
O5' BMP D . 15.22 -2.76 4.59
C5' BMP D . 14.29 -1.92 5.24
C4' BMP D . 12.94 -2.58 5.19
O4' BMP D . 12.02 -1.86 6.01
C3' BMP D . 12.33 -2.65 3.79
O3' BMP D . 11.48 -3.80 3.68
C2' BMP D . 11.46 -1.41 3.75
O2' BMP D . 10.39 -1.53 2.84
C1' BMP D . 11.00 -1.29 5.21
N1 BMP D . 10.78 0.10 5.69
C2 BMP D . 11.70 1.09 5.56
O2 BMP D . 12.81 0.88 5.05
N3 BMP D . 11.42 2.31 6.01
C4 BMP D . 10.25 2.62 6.59
O4 BMP D . 10.10 3.78 6.98
C5 BMP D . 9.28 1.63 6.77
C6 BMP D . 9.58 0.37 6.32
O1 BMP D . 8.69 -0.61 6.47
#